data_7KAC
#
_entry.id   7KAC
#
_cell.length_a   55.830
_cell.length_b   58.470
_cell.length_c   60.480
_cell.angle_alpha   78.810
_cell.angle_beta   79.820
_cell.angle_gamma   66.080
#
_symmetry.space_group_name_H-M   'P 1'
#
loop_
_entity.id
_entity.type
_entity.pdbx_description
1 polymer 'Isoform 2 of Mitogen-activated protein kinase kinase kinase kinase 1'
2 non-polymer 5-{[4-{[(1S)-2-hydroxy-1-phenylethyl]amino}-5-(1,3,4-oxadiazol-2-yl)pyrimidin-2-yl]amino}-3,3-dimethyl-2-benzofuran-1(3H)-one
3 water water
#
_entity_poly.entity_id   1
_entity_poly.type   'polypeptide(L)'
_entity_poly.pdbx_seq_one_letter_code
;MGSSHHHHHHSSGETVRFQGHMDVVDPDIFNRDPRDHYDLLQRLGGGTYGEVFKARDKVSGDLVALKMVKMEPDDDVSTL
QKEILILKTCRHANIVAYHGSYLWLQKLWICMEFCGAGSLQDIYQVTGSLSELQISYVCREVLQGLAYLHSQKKIHRDIK
GANILINDAGEVRLADFGISAQIGATLARRLSFIGTPYWMAPEVAAVALKGGYNELCDIWSLGITAIELAELQPPLFDVH
PDRVLELMTKSGYQPPRLKEKGKWSAAFHNFIKVTLTKSPKKRPSATKMLSHQLVSQPGLNRGLILDLLDKLKNPGKGPS
IGDIEDEEPELPPAIPRRIR
;
_entity_poly.pdbx_strand_id   A,B
#
# COMPACT_ATOMS: atom_id res chain seq x y z
N ASP A 28 8.29 -5.79 -28.56
CA ASP A 28 7.90 -7.19 -28.43
C ASP A 28 7.37 -7.73 -29.76
N ILE A 29 6.42 -7.02 -30.40
CA ILE A 29 5.84 -7.47 -31.66
C ILE A 29 6.92 -7.55 -32.76
N PHE A 30 7.62 -6.43 -33.07
CA PHE A 30 8.66 -6.45 -34.10
C PHE A 30 10.04 -6.58 -33.46
N ASN A 31 10.86 -7.55 -33.88
CA ASN A 31 12.22 -7.68 -33.38
C ASN A 31 13.22 -7.02 -34.35
N ARG A 32 12.80 -5.91 -35.01
CA ARG A 32 13.60 -5.16 -35.98
C ARG A 32 14.02 -3.79 -35.41
N ASP A 33 14.94 -3.09 -36.09
CA ASP A 33 15.38 -1.77 -35.67
C ASP A 33 14.30 -0.73 -36.02
N PRO A 34 13.89 0.18 -35.10
CA PRO A 34 12.84 1.15 -35.45
C PRO A 34 13.21 2.13 -36.56
N ARG A 35 14.52 2.43 -36.73
CA ARG A 35 14.98 3.33 -37.80
C ARG A 35 14.69 2.81 -39.23
N ASP A 36 14.25 1.54 -39.37
CA ASP A 36 13.90 0.97 -40.66
C ASP A 36 12.55 1.52 -41.13
N HIS A 37 11.58 1.65 -40.19
CA HIS A 37 10.22 2.12 -40.48
C HIS A 37 9.98 3.62 -40.19
N TYR A 38 10.76 4.26 -39.28
CA TYR A 38 10.58 5.68 -38.92
C TYR A 38 11.86 6.49 -38.97
N ASP A 39 11.74 7.79 -39.30
CA ASP A 39 12.84 8.75 -39.29
C ASP A 39 12.72 9.57 -38.00
N LEU A 40 13.74 9.53 -37.12
CA LEU A 40 13.71 10.30 -35.88
C LEU A 40 13.96 11.79 -36.18
N LEU A 41 13.13 12.69 -35.62
CA LEU A 41 13.26 14.13 -35.87
C LEU A 41 13.87 14.89 -34.68
N GLN A 42 13.31 14.73 -33.46
CA GLN A 42 13.84 15.43 -32.28
C GLN A 42 13.42 14.77 -30.97
N ARG A 43 14.17 15.05 -29.90
CA ARG A 43 13.87 14.51 -28.58
C ARG A 43 12.80 15.40 -27.95
N LEU A 44 11.61 14.83 -27.70
CA LEU A 44 10.46 15.53 -27.08
C LEU A 44 10.63 15.64 -25.56
N GLY A 45 11.23 14.64 -24.94
CA GLY A 45 11.44 14.64 -23.50
C GLY A 45 12.04 13.34 -23.00
N GLY A 46 12.14 13.23 -21.69
CA GLY A 46 12.69 12.02 -21.07
C GLY A 46 12.77 12.09 -19.58
N GLY A 47 13.30 11.03 -18.99
CA GLY A 47 13.46 10.89 -17.55
C GLY A 47 13.67 9.45 -17.16
N THR A 48 13.14 9.04 -15.99
CA THR A 48 13.21 7.66 -15.53
C THR A 48 12.47 6.73 -16.52
N TYR A 49 11.33 7.23 -17.06
CA TYR A 49 10.48 6.56 -18.06
C TYR A 49 11.08 6.49 -19.49
N GLY A 50 12.40 6.50 -19.63
CA GLY A 50 13.04 6.42 -20.93
C GLY A 50 13.03 7.74 -21.69
N GLU A 51 13.35 7.69 -22.99
CA GLU A 51 13.46 8.88 -23.86
C GLU A 51 12.35 8.87 -24.93
N VAL A 52 11.55 9.95 -25.01
CA VAL A 52 10.43 10.07 -25.96
C VAL A 52 10.85 10.96 -27.15
N PHE A 53 10.76 10.44 -28.40
CA PHE A 53 11.16 11.16 -29.62
C PHE A 53 10.00 11.39 -30.58
N LYS A 54 10.07 12.49 -31.33
CA LYS A 54 9.15 12.77 -32.42
C LYS A 54 9.72 12.00 -33.62
N ALA A 55 8.85 11.38 -34.42
CA ALA A 55 9.30 10.60 -35.58
C ALA A 55 8.28 10.60 -36.70
N ARG A 56 8.73 10.37 -37.94
CA ARG A 56 7.84 10.35 -39.11
C ARG A 56 7.91 8.98 -39.79
N ASP A 57 6.75 8.44 -40.21
CA ASP A 57 6.69 7.16 -40.89
C ASP A 57 7.28 7.32 -42.30
N LYS A 58 8.14 6.39 -42.72
CA LYS A 58 8.79 6.48 -44.03
C LYS A 58 7.80 6.28 -45.19
N VAL A 59 6.88 5.31 -45.07
CA VAL A 59 5.91 5.03 -46.12
C VAL A 59 4.75 6.07 -46.14
N SER A 60 4.01 6.22 -45.03
CA SER A 60 2.84 7.11 -44.93
C SER A 60 3.14 8.59 -44.68
N GLY A 61 4.29 8.92 -44.07
CA GLY A 61 4.62 10.30 -43.74
C GLY A 61 3.94 10.82 -42.48
N ASP A 62 3.09 10.01 -41.82
CA ASP A 62 2.39 10.42 -40.59
C ASP A 62 3.36 10.46 -39.41
N LEU A 63 3.16 11.43 -38.49
CA LEU A 63 4.01 11.55 -37.30
C LEU A 63 3.58 10.61 -36.19
N VAL A 64 4.56 10.14 -35.42
CA VAL A 64 4.39 9.24 -34.29
C VAL A 64 5.30 9.72 -33.13
N ALA A 65 5.09 9.16 -31.93
CA ALA A 65 5.91 9.44 -30.76
C ALA A 65 6.50 8.09 -30.34
N LEU A 66 7.83 8.00 -30.21
CA LEU A 66 8.51 6.75 -29.85
C LEU A 66 9.11 6.84 -28.47
N LYS A 67 8.62 6.04 -27.52
CA LYS A 67 9.14 5.98 -26.17
C LYS A 67 10.18 4.86 -26.11
N MET A 68 11.47 5.23 -26.07
CA MET A 68 12.57 4.27 -25.99
C MET A 68 12.86 3.95 -24.52
N VAL A 69 12.57 2.71 -24.10
CA VAL A 69 12.79 2.27 -22.72
C VAL A 69 14.01 1.34 -22.68
N LYS A 70 15.00 1.61 -21.80
CA LYS A 70 16.17 0.75 -21.66
C LYS A 70 15.72 -0.54 -20.93
N MET A 71 15.69 -1.68 -21.65
CA MET A 71 15.19 -2.99 -21.18
C MET A 71 15.54 -3.42 -19.72
N GLU A 72 16.84 -3.46 -19.34
CA GLU A 72 17.29 -3.93 -18.01
C GLU A 72 17.05 -5.46 -17.88
N PRO A 73 18.08 -6.34 -18.02
CA PRO A 73 17.81 -7.79 -17.98
C PRO A 73 17.21 -8.32 -16.67
N ASP A 74 15.98 -8.86 -16.75
CA ASP A 74 15.28 -9.42 -15.58
C ASP A 74 14.21 -10.46 -15.99
N ASP A 75 13.23 -10.08 -16.84
CA ASP A 75 12.16 -10.99 -17.27
C ASP A 75 11.54 -10.51 -18.57
N ASP A 76 11.13 -11.45 -19.45
CA ASP A 76 10.50 -11.10 -20.72
C ASP A 76 9.46 -12.14 -21.16
N VAL A 77 8.80 -12.81 -20.20
CA VAL A 77 7.75 -13.77 -20.50
C VAL A 77 6.41 -13.02 -20.45
N SER A 78 6.14 -12.31 -19.32
CA SER A 78 4.93 -11.52 -19.11
C SER A 78 5.25 -10.02 -19.24
N THR A 79 6.42 -9.60 -18.71
CA THR A 79 6.86 -8.20 -18.75
C THR A 79 6.91 -7.59 -20.17
N LEU A 80 7.00 -8.42 -21.23
CA LEU A 80 7.05 -7.93 -22.60
C LEU A 80 5.81 -8.37 -23.39
N GLN A 81 5.48 -9.68 -23.42
CA GLN A 81 4.36 -10.16 -24.21
C GLN A 81 2.99 -9.77 -23.65
N LYS A 82 2.73 -10.02 -22.35
CA LYS A 82 1.45 -9.70 -21.73
C LYS A 82 1.23 -8.18 -21.54
N GLU A 83 2.30 -7.41 -21.29
CA GLU A 83 2.17 -5.95 -21.13
C GLU A 83 1.75 -5.30 -22.45
N ILE A 84 2.40 -5.68 -23.56
CA ILE A 84 2.06 -5.15 -24.88
C ILE A 84 0.68 -5.63 -25.34
N LEU A 85 0.28 -6.85 -24.95
CA LEU A 85 -1.06 -7.35 -25.28
C LEU A 85 -2.12 -6.47 -24.60
N ILE A 86 -1.90 -6.03 -23.35
CA ILE A 86 -2.85 -5.12 -22.69
C ILE A 86 -2.89 -3.77 -23.43
N LEU A 87 -1.71 -3.19 -23.75
CA LEU A 87 -1.61 -1.90 -24.44
C LEU A 87 -2.35 -1.89 -25.78
N LYS A 88 -2.23 -2.98 -26.54
CA LYS A 88 -2.89 -3.10 -27.83
C LYS A 88 -4.41 -3.23 -27.70
N THR A 89 -4.89 -3.96 -26.67
CA THR A 89 -6.32 -4.16 -26.44
C THR A 89 -7.02 -2.97 -25.66
N CYS A 90 -6.38 -1.78 -25.58
CA CYS A 90 -7.04 -0.60 -25.01
C CYS A 90 -7.46 0.26 -26.20
N ARG A 91 -8.73 0.12 -26.65
CA ARG A 91 -9.24 0.71 -27.89
C ARG A 91 -10.41 1.61 -27.59
N HIS A 92 -10.13 2.89 -27.44
CA HIS A 92 -11.17 3.89 -27.19
C HIS A 92 -10.71 5.24 -27.74
N ALA A 93 -11.69 6.08 -28.14
CA ALA A 93 -11.40 7.40 -28.68
C ALA A 93 -10.64 8.29 -27.69
N ASN A 94 -10.97 8.22 -26.37
CA ASN A 94 -10.31 9.05 -25.38
C ASN A 94 -9.08 8.43 -24.73
N ILE A 95 -8.49 7.37 -25.30
CA ILE A 95 -7.24 6.79 -24.80
C ILE A 95 -6.26 6.93 -25.96
N VAL A 96 -5.02 7.38 -25.67
CA VAL A 96 -4.01 7.60 -26.71
C VAL A 96 -3.71 6.29 -27.50
N ALA A 97 -3.70 6.36 -28.84
CA ALA A 97 -3.56 5.21 -29.75
C ALA A 97 -2.16 4.56 -29.74
N TYR A 98 -2.14 3.23 -29.89
CA TYR A 98 -0.93 2.41 -29.90
C TYR A 98 -0.71 1.86 -31.31
N HIS A 99 0.52 1.98 -31.85
CA HIS A 99 0.84 1.55 -33.20
C HIS A 99 1.69 0.28 -33.28
N GLY A 100 2.60 0.08 -32.33
CA GLY A 100 3.46 -1.09 -32.30
C GLY A 100 4.66 -0.95 -31.38
N SER A 101 5.49 -2.00 -31.29
CA SER A 101 6.69 -2.01 -30.43
C SER A 101 7.87 -2.68 -31.12
N TYR A 102 9.09 -2.25 -30.76
CA TYR A 102 10.32 -2.78 -31.33
C TYR A 102 11.32 -3.14 -30.24
N LEU A 103 12.12 -4.20 -30.47
CA LEU A 103 13.18 -4.65 -29.57
C LEU A 103 14.44 -4.75 -30.43
N TRP A 104 15.32 -3.74 -30.36
CA TRP A 104 16.56 -3.70 -31.14
C TRP A 104 17.67 -3.07 -30.30
N LEU A 105 18.76 -3.83 -30.07
CA LEU A 105 19.92 -3.42 -29.26
C LEU A 105 19.54 -3.20 -27.78
N GLN A 106 18.74 -4.13 -27.21
CA GLN A 106 18.29 -4.12 -25.81
C GLN A 106 17.51 -2.84 -25.43
N LYS A 107 16.75 -2.26 -26.38
CA LYS A 107 15.93 -1.07 -26.13
C LYS A 107 14.52 -1.36 -26.67
N LEU A 108 13.49 -1.05 -25.87
CA LEU A 108 12.10 -1.27 -26.25
C LEU A 108 11.46 0.05 -26.70
N TRP A 109 11.27 0.23 -28.02
CA TRP A 109 10.66 1.43 -28.58
C TRP A 109 9.16 1.23 -28.72
N ILE A 110 8.35 2.00 -27.97
CA ILE A 110 6.88 1.91 -28.02
C ILE A 110 6.40 3.01 -28.93
N CYS A 111 5.78 2.64 -30.06
CA CYS A 111 5.26 3.58 -31.03
C CYS A 111 3.82 3.96 -30.67
N MET A 112 3.57 5.25 -30.40
CA MET A 112 2.25 5.75 -30.00
C MET A 112 1.86 7.03 -30.77
N GLU A 113 0.59 7.48 -30.62
CA GLU A 113 0.07 8.66 -31.32
C GLU A 113 0.84 9.94 -31.00
N PHE A 114 1.18 10.72 -32.04
CA PHE A 114 1.85 12.00 -31.84
C PHE A 114 0.74 13.01 -31.53
N CYS A 115 0.69 13.51 -30.29
CA CYS A 115 -0.32 14.46 -29.85
C CYS A 115 0.29 15.85 -29.88
N GLY A 116 0.25 16.44 -31.06
CA GLY A 116 0.85 17.73 -31.39
C GLY A 116 0.91 18.82 -30.34
N ALA A 117 -0.22 19.17 -29.73
CA ALA A 117 -0.28 20.23 -28.72
C ALA A 117 0.35 19.85 -27.35
N GLY A 118 0.72 18.59 -27.18
CA GLY A 118 1.29 18.10 -25.93
C GLY A 118 0.22 17.88 -24.88
N SER A 119 0.62 17.92 -23.63
CA SER A 119 -0.31 17.75 -22.52
C SER A 119 -1.04 19.04 -22.16
N LEU A 120 -2.14 18.94 -21.38
CA LEU A 120 -2.84 20.14 -20.92
C LEU A 120 -1.93 21.00 -20.04
N GLN A 121 -0.98 20.39 -19.31
CA GLN A 121 -0.02 21.14 -18.52
C GLN A 121 0.84 22.04 -19.44
N ASP A 122 1.40 21.47 -20.54
CA ASP A 122 2.19 22.23 -21.52
C ASP A 122 1.38 23.40 -22.09
N ILE A 123 0.06 23.22 -22.26
CA ILE A 123 -0.83 24.23 -22.79
C ILE A 123 -1.12 25.35 -21.78
N TYR A 124 -1.63 25.01 -20.57
CA TYR A 124 -1.97 26.05 -19.58
C TYR A 124 -0.72 26.80 -19.08
N GLN A 125 0.49 26.23 -19.19
CA GLN A 125 1.70 26.97 -18.83
C GLN A 125 1.93 28.17 -19.80
N VAL A 126 1.35 28.15 -21.01
CA VAL A 126 1.43 29.23 -21.99
C VAL A 126 0.10 30.03 -22.00
N THR A 127 -1.04 29.36 -22.21
CA THR A 127 -2.33 30.03 -22.31
C THR A 127 -2.90 30.56 -20.99
N GLY A 128 -2.48 29.99 -19.87
CA GLY A 128 -3.04 30.35 -18.57
C GLY A 128 -4.33 29.56 -18.31
N SER A 129 -5.03 29.94 -17.25
CA SER A 129 -6.26 29.28 -16.80
C SER A 129 -7.25 28.94 -17.94
N LEU A 130 -7.79 27.72 -17.95
CA LEU A 130 -8.79 27.32 -18.95
C LEU A 130 -10.14 27.88 -18.51
N SER A 131 -11.10 28.00 -19.45
CA SER A 131 -12.44 28.46 -19.13
C SER A 131 -13.29 27.31 -18.56
N GLU A 132 -14.40 27.62 -17.89
CA GLU A 132 -15.24 26.58 -17.31
C GLU A 132 -15.76 25.60 -18.35
N LEU A 133 -16.13 26.10 -19.55
CA LEU A 133 -16.64 25.24 -20.63
C LEU A 133 -15.53 24.34 -21.17
N GLN A 134 -14.30 24.86 -21.30
CA GLN A 134 -13.17 24.06 -21.75
C GLN A 134 -12.80 22.99 -20.71
N ILE A 135 -12.89 23.32 -19.41
CA ILE A 135 -12.64 22.36 -18.36
C ILE A 135 -13.74 21.31 -18.39
N SER A 136 -14.99 21.74 -18.47
CA SER A 136 -16.17 20.87 -18.55
C SER A 136 -16.05 19.88 -19.71
N TYR A 137 -15.54 20.34 -20.88
CA TYR A 137 -15.35 19.47 -22.02
C TYR A 137 -14.28 18.44 -21.72
N VAL A 138 -13.11 18.86 -21.18
CA VAL A 138 -11.99 17.99 -20.82
C VAL A 138 -12.48 16.94 -19.81
N CYS A 139 -13.28 17.36 -18.83
CA CYS A 139 -13.82 16.45 -17.85
C CYS A 139 -14.71 15.40 -18.48
N ARG A 140 -15.56 15.79 -19.45
CA ARG A 140 -16.41 14.82 -20.13
C ARG A 140 -15.56 13.81 -20.90
N GLU A 141 -14.53 14.29 -21.64
CA GLU A 141 -13.67 13.40 -22.40
C GLU A 141 -12.85 12.45 -21.50
N VAL A 142 -12.34 12.93 -20.35
CA VAL A 142 -11.59 12.08 -19.43
C VAL A 142 -12.56 11.05 -18.82
N LEU A 143 -13.77 11.48 -18.43
CA LEU A 143 -14.76 10.55 -17.86
C LEU A 143 -15.12 9.43 -18.83
N GLN A 144 -15.22 9.74 -20.15
CA GLN A 144 -15.48 8.72 -21.15
C GLN A 144 -14.33 7.72 -21.21
N GLY A 145 -13.09 8.20 -21.16
CA GLY A 145 -11.93 7.33 -21.15
C GLY A 145 -11.82 6.50 -19.87
N LEU A 146 -12.21 7.05 -18.72
CA LEU A 146 -12.18 6.33 -17.44
C LEU A 146 -13.27 5.28 -17.36
N ALA A 147 -14.48 5.56 -17.89
CA ALA A 147 -15.56 4.58 -17.90
C ALA A 147 -15.16 3.36 -18.76
N TYR A 148 -14.41 3.59 -19.86
CA TYR A 148 -13.92 2.50 -20.68
C TYR A 148 -12.87 1.70 -19.90
N LEU A 149 -11.83 2.36 -19.34
CA LEU A 149 -10.77 1.68 -18.60
C LEU A 149 -11.32 0.86 -17.43
N HIS A 150 -12.29 1.41 -16.69
CA HIS A 150 -12.88 0.76 -15.55
C HIS A 150 -13.71 -0.44 -15.96
N SER A 151 -14.40 -0.37 -17.12
CA SER A 151 -15.17 -1.50 -17.65
C SER A 151 -14.21 -2.67 -18.02
N GLN A 152 -12.98 -2.36 -18.47
CA GLN A 152 -11.95 -3.36 -18.76
C GLN A 152 -11.19 -3.79 -17.49
N LYS A 153 -11.66 -3.40 -16.28
CA LYS A 153 -11.01 -3.70 -15.00
C LYS A 153 -9.57 -3.14 -14.91
N LYS A 154 -9.36 -1.91 -15.43
CA LYS A 154 -8.06 -1.20 -15.36
C LYS A 154 -8.24 0.10 -14.55
N ILE A 155 -7.15 0.56 -13.91
CA ILE A 155 -7.13 1.82 -13.15
C ILE A 155 -6.02 2.65 -13.75
N HIS A 156 -6.27 3.94 -14.07
CA HIS A 156 -5.22 4.80 -14.60
C HIS A 156 -4.21 5.09 -13.48
N ARG A 157 -4.69 5.51 -12.30
CA ARG A 157 -3.86 5.75 -11.12
C ARG A 157 -2.98 7.00 -11.22
N ASP A 158 -3.02 7.78 -12.33
CA ASP A 158 -2.19 8.98 -12.44
C ASP A 158 -2.85 10.06 -13.31
N ILE A 159 -4.14 10.31 -13.08
CA ILE A 159 -4.87 11.35 -13.79
C ILE A 159 -4.38 12.69 -13.27
N LYS A 160 -3.91 13.52 -14.19
CA LYS A 160 -3.38 14.88 -13.96
C LYS A 160 -3.20 15.57 -15.34
N GLY A 161 -3.15 16.89 -15.36
CA GLY A 161 -2.97 17.66 -16.60
C GLY A 161 -1.82 17.18 -17.49
N ALA A 162 -0.70 16.75 -16.90
CA ALA A 162 0.46 16.26 -17.64
C ALA A 162 0.20 14.94 -18.39
N ASN A 163 -0.83 14.16 -17.99
CA ASN A 163 -1.17 12.88 -18.61
C ASN A 163 -2.43 12.91 -19.48
N ILE A 164 -2.93 14.10 -19.83
CA ILE A 164 -4.09 14.25 -20.70
C ILE A 164 -3.52 14.97 -21.90
N LEU A 165 -3.39 14.27 -23.03
CA LEU A 165 -2.82 14.82 -24.25
C LEU A 165 -3.88 15.33 -25.20
N ILE A 166 -3.57 16.41 -25.89
CA ILE A 166 -4.46 17.02 -26.85
C ILE A 166 -3.79 16.89 -28.21
N ASN A 167 -4.44 16.27 -29.19
CA ASN A 167 -3.86 16.17 -30.55
C ASN A 167 -4.24 17.43 -31.38
N ASP A 168 -3.62 17.62 -32.57
CA ASP A 168 -3.90 18.78 -33.43
C ASP A 168 -5.39 18.89 -33.86
N ALA A 169 -6.16 17.79 -33.76
CA ALA A 169 -7.59 17.79 -34.06
C ALA A 169 -8.45 18.20 -32.83
N GLY A 170 -7.84 18.62 -31.73
CA GLY A 170 -8.56 18.99 -30.51
C GLY A 170 -9.14 17.84 -29.74
N GLU A 171 -8.66 16.61 -29.97
CA GLU A 171 -9.16 15.44 -29.25
C GLU A 171 -8.40 15.22 -27.94
N VAL A 172 -9.11 14.76 -26.94
CA VAL A 172 -8.60 14.55 -25.58
C VAL A 172 -8.28 13.08 -25.42
N ARG A 173 -7.01 12.74 -25.15
CA ARG A 173 -6.55 11.36 -24.99
C ARG A 173 -5.83 11.13 -23.65
N LEU A 174 -6.28 10.15 -22.86
CA LEU A 174 -5.59 9.79 -21.64
C LEU A 174 -4.30 9.08 -22.02
N ALA A 175 -3.24 9.37 -21.29
CA ALA A 175 -1.93 8.82 -21.61
C ALA A 175 -1.13 8.45 -20.35
N ASP A 176 -0.03 7.69 -20.54
CA ASP A 176 0.94 7.29 -19.54
C ASP A 176 0.37 6.34 -18.50
N PHE A 177 0.26 5.07 -18.89
CA PHE A 177 -0.18 4.00 -18.01
C PHE A 177 1.02 3.40 -17.29
N PHE A 193 -1.46 -13.19 -0.49
CA PHE A 193 -1.66 -12.32 0.68
C PHE A 193 -0.60 -12.59 1.75
N ILE A 194 -0.22 -11.55 2.52
CA ILE A 194 0.76 -11.66 3.61
C ILE A 194 0.03 -12.01 4.92
N GLY A 195 -0.04 -13.30 5.23
CA GLY A 195 -0.66 -13.83 6.46
C GLY A 195 -1.81 -14.81 6.28
N THR A 196 -2.40 -15.17 7.44
CA THR A 196 -3.61 -16.02 7.62
C THR A 196 -4.69 -15.03 8.08
N PRO A 197 -6.02 -15.15 7.76
CA PRO A 197 -6.92 -14.02 8.05
C PRO A 197 -7.64 -14.00 9.39
N TYR A 198 -7.67 -15.13 10.12
CA TYR A 198 -8.45 -15.26 11.35
C TYR A 198 -8.16 -14.19 12.41
N TRP A 199 -6.94 -13.67 12.51
CA TRP A 199 -6.58 -12.66 13.50
C TRP A 199 -6.54 -11.22 12.92
N MET A 200 -6.80 -11.05 11.62
CA MET A 200 -6.71 -9.74 10.99
C MET A 200 -7.90 -8.86 11.33
N ALA A 201 -7.66 -7.58 11.62
CA ALA A 201 -8.74 -6.62 11.84
C ALA A 201 -9.54 -6.43 10.51
N PRO A 202 -10.80 -5.95 10.55
CA PRO A 202 -11.56 -5.78 9.28
C PRO A 202 -10.91 -4.82 8.29
N GLU A 203 -10.27 -3.73 8.75
CA GLU A 203 -9.57 -2.81 7.84
C GLU A 203 -8.35 -3.49 7.20
N VAL A 204 -7.68 -4.44 7.90
CA VAL A 204 -6.54 -5.17 7.33
C VAL A 204 -7.07 -6.15 6.28
N ALA A 205 -8.21 -6.82 6.57
CA ALA A 205 -8.84 -7.77 5.64
C ALA A 205 -9.23 -7.08 4.34
N ALA A 206 -9.80 -5.86 4.45
CA ALA A 206 -10.19 -5.07 3.29
C ALA A 206 -8.98 -4.78 2.39
N VAL A 207 -7.84 -4.38 2.96
CA VAL A 207 -6.63 -4.11 2.16
C VAL A 207 -6.09 -5.40 1.52
N ALA A 208 -6.11 -6.52 2.26
CA ALA A 208 -5.61 -7.79 1.72
C ALA A 208 -6.47 -8.30 0.58
N LEU A 209 -7.80 -8.21 0.70
CA LEU A 209 -8.72 -8.69 -0.33
C LEU A 209 -8.89 -7.71 -1.51
N LYS A 210 -9.26 -6.43 -1.23
CA LYS A 210 -9.56 -5.41 -2.25
C LYS A 210 -8.41 -4.44 -2.56
N GLY A 211 -7.24 -4.64 -1.97
CA GLY A 211 -6.03 -3.90 -2.33
C GLY A 211 -5.79 -2.54 -1.70
N GLY A 212 -6.74 -2.02 -0.93
CA GLY A 212 -6.58 -0.71 -0.30
C GLY A 212 -7.28 0.39 -1.06
N TYR A 213 -7.40 0.23 -2.41
CA TYR A 213 -8.16 1.18 -3.16
C TYR A 213 -8.72 0.59 -4.47
N ASN A 214 -9.69 1.26 -5.04
CA ASN A 214 -10.35 0.83 -6.27
C ASN A 214 -10.31 1.95 -7.34
N GLU A 215 -10.89 1.67 -8.52
CA GLU A 215 -10.93 2.58 -9.66
C GLU A 215 -11.46 3.99 -9.31
N LEU A 216 -12.19 4.15 -8.19
CA LEU A 216 -12.70 5.44 -7.78
C LEU A 216 -11.63 6.43 -7.36
N CYS A 217 -10.37 5.99 -7.21
CA CYS A 217 -9.28 6.92 -6.95
C CYS A 217 -9.08 7.87 -8.18
N ASP A 218 -9.38 7.38 -9.42
CA ASP A 218 -9.32 8.15 -10.66
C ASP A 218 -10.34 9.27 -10.70
N ILE A 219 -11.51 9.08 -10.05
CA ILE A 219 -12.55 10.09 -9.98
C ILE A 219 -12.06 11.25 -9.13
N TRP A 220 -11.41 10.96 -7.98
CA TRP A 220 -10.84 12.00 -7.12
C TRP A 220 -9.77 12.79 -7.90
N SER A 221 -8.87 12.07 -8.57
CA SER A 221 -7.78 12.69 -9.32
C SER A 221 -8.29 13.60 -10.42
N LEU A 222 -9.42 13.24 -11.06
CA LEU A 222 -10.05 14.08 -12.06
C LEU A 222 -10.52 15.39 -11.44
N GLY A 223 -11.12 15.33 -10.26
CA GLY A 223 -11.53 16.51 -9.50
C GLY A 223 -10.34 17.41 -9.16
N ILE A 224 -9.19 16.84 -8.76
CA ILE A 224 -7.98 17.64 -8.51
C ILE A 224 -7.49 18.27 -9.84
N THR A 225 -7.58 17.52 -10.95
CA THR A 225 -7.17 17.99 -12.27
C THR A 225 -8.06 19.15 -12.73
N ALA A 226 -9.36 19.10 -12.46
CA ALA A 226 -10.26 20.19 -12.79
C ALA A 226 -9.85 21.49 -12.06
N ILE A 227 -9.41 21.39 -10.77
CA ILE A 227 -8.91 22.54 -10.03
C ILE A 227 -7.58 23.00 -10.66
N GLU A 228 -6.70 22.07 -11.00
CA GLU A 228 -5.43 22.36 -11.64
C GLU A 228 -5.60 23.16 -12.95
N LEU A 229 -6.59 22.80 -13.80
CA LEU A 229 -6.81 23.50 -15.06
C LEU A 229 -7.38 24.89 -14.82
N ALA A 230 -8.10 25.11 -13.72
CA ALA A 230 -8.69 26.40 -13.35
C ALA A 230 -7.71 27.37 -12.63
N GLU A 231 -6.83 26.85 -11.78
CA GLU A 231 -5.91 27.69 -10.99
C GLU A 231 -4.45 27.50 -11.35
N LEU A 232 -4.14 26.68 -12.36
CA LEU A 232 -2.76 26.40 -12.77
C LEU A 232 -1.96 25.55 -11.79
N GLN A 233 -2.56 25.14 -10.67
CA GLN A 233 -1.91 24.28 -9.70
C GLN A 233 -2.93 23.40 -9.01
N PRO A 234 -2.55 22.17 -8.61
CA PRO A 234 -3.43 21.40 -7.74
C PRO A 234 -3.41 22.04 -6.33
N PRO A 235 -4.42 21.80 -5.47
CA PRO A 235 -4.35 22.36 -4.10
C PRO A 235 -3.14 21.85 -3.32
N LEU A 236 -2.62 22.69 -2.39
CA LEU A 236 -1.45 22.35 -1.56
C LEU A 236 -0.15 22.19 -2.35
N PHE A 237 -0.08 22.67 -3.61
CA PHE A 237 1.13 22.51 -4.42
C PHE A 237 2.35 23.19 -3.80
N ASP A 238 2.15 24.23 -2.98
CA ASP A 238 3.23 24.93 -2.30
C ASP A 238 3.74 24.18 -1.04
N VAL A 239 2.92 23.26 -0.48
CA VAL A 239 3.28 22.46 0.68
C VAL A 239 4.23 21.33 0.25
N HIS A 240 5.18 20.95 1.14
CA HIS A 240 6.16 19.91 0.83
C HIS A 240 5.44 18.56 0.58
N PRO A 241 5.85 17.74 -0.41
CA PRO A 241 5.12 16.48 -0.67
C PRO A 241 4.98 15.54 0.53
N ASP A 242 5.99 15.48 1.40
CA ASP A 242 5.94 14.62 2.60
C ASP A 242 4.88 15.16 3.57
N ARG A 243 4.75 16.48 3.69
CA ARG A 243 3.75 17.10 4.56
C ARG A 243 2.32 16.92 3.99
N VAL A 244 2.17 16.81 2.64
CA VAL A 244 0.86 16.61 2.00
C VAL A 244 0.33 15.20 2.27
N LEU A 245 1.21 14.18 2.24
CA LEU A 245 0.81 12.80 2.56
C LEU A 245 0.24 12.71 3.97
N GLU A 246 0.88 13.40 4.94
CA GLU A 246 0.43 13.42 6.33
C GLU A 246 -0.90 14.15 6.49
N LEU A 247 -1.08 15.32 5.84
CA LEU A 247 -2.35 16.05 5.94
C LEU A 247 -3.53 15.22 5.44
N MET A 248 -3.38 14.57 4.26
CA MET A 248 -4.45 13.75 3.66
C MET A 248 -4.80 12.53 4.51
N THR A 249 -3.80 11.96 5.19
CA THR A 249 -3.97 10.80 6.06
C THR A 249 -4.53 11.18 7.45
N LYS A 250 -4.42 12.46 7.87
CA LYS A 250 -4.94 12.91 9.17
C LYS A 250 -6.47 12.74 9.21
N SER A 251 -7.00 12.44 10.39
CA SER A 251 -8.43 12.18 10.60
C SER A 251 -9.37 13.27 10.07
N GLY A 252 -9.06 14.53 10.36
CA GLY A 252 -9.89 15.66 9.95
C GLY A 252 -9.61 16.26 8.58
N TYR A 253 -9.08 15.47 7.62
CA TYR A 253 -8.78 16.01 6.28
C TYR A 253 -10.05 16.43 5.55
N GLN A 254 -10.13 17.72 5.17
CA GLN A 254 -11.28 18.27 4.46
C GLN A 254 -10.96 18.31 2.96
N PRO A 255 -11.82 17.75 2.08
CA PRO A 255 -11.52 17.83 0.63
C PRO A 255 -11.36 19.27 0.14
N PRO A 256 -10.45 19.51 -0.82
CA PRO A 256 -10.29 20.89 -1.32
C PRO A 256 -11.45 21.44 -2.14
N ARG A 257 -11.43 22.75 -2.37
CA ARG A 257 -12.47 23.49 -3.11
C ARG A 257 -11.81 24.55 -4.02
N LEU A 258 -12.60 25.15 -4.94
CA LEU A 258 -12.09 26.22 -5.81
C LEU A 258 -11.85 27.49 -4.98
N LYS A 259 -10.66 28.12 -5.10
CA LYS A 259 -10.34 29.32 -4.30
C LYS A 259 -11.30 30.51 -4.60
N GLU A 260 -11.57 30.86 -5.88
CA GLU A 260 -12.52 31.94 -6.21
C GLU A 260 -13.91 31.32 -6.32
N LYS A 261 -14.92 31.85 -5.63
CA LYS A 261 -16.26 31.29 -5.67
C LYS A 261 -17.07 31.84 -6.85
N GLY A 262 -17.17 33.17 -6.95
CA GLY A 262 -17.96 33.85 -7.97
C GLY A 262 -17.58 33.57 -9.40
N LYS A 263 -16.27 33.35 -9.65
CA LYS A 263 -15.72 33.07 -10.99
C LYS A 263 -16.33 31.81 -11.66
N TRP A 264 -16.84 30.86 -10.86
CA TRP A 264 -17.38 29.59 -11.36
C TRP A 264 -18.83 29.38 -11.01
N SER A 265 -19.55 28.67 -11.86
CA SER A 265 -20.97 28.38 -11.67
C SER A 265 -21.19 27.36 -10.53
N ALA A 266 -22.44 27.22 -10.07
CA ALA A 266 -22.79 26.26 -9.03
C ALA A 266 -22.60 24.81 -9.51
N ALA A 267 -22.71 24.56 -10.83
CA ALA A 267 -22.53 23.23 -11.40
C ALA A 267 -21.06 22.81 -11.27
N PHE A 268 -20.10 23.73 -11.52
CA PHE A 268 -18.68 23.42 -11.39
C PHE A 268 -18.30 23.20 -9.93
N HIS A 269 -18.82 24.02 -9.00
CA HIS A 269 -18.57 23.82 -7.58
C HIS A 269 -19.13 22.47 -7.13
N ASN A 270 -20.30 22.06 -7.64
CA ASN A 270 -20.88 20.77 -7.26
C ASN A 270 -20.11 19.60 -7.88
N PHE A 271 -19.56 19.76 -9.10
CA PHE A 271 -18.77 18.72 -9.73
C PHE A 271 -17.51 18.44 -8.90
N ILE A 272 -16.85 19.52 -8.44
CA ILE A 272 -15.67 19.41 -7.59
C ILE A 272 -16.07 18.72 -6.26
N LYS A 273 -17.15 19.19 -5.62
CA LYS A 273 -17.63 18.62 -4.36
C LYS A 273 -17.88 17.12 -4.46
N VAL A 274 -18.59 16.72 -5.50
CA VAL A 274 -18.99 15.34 -5.71
C VAL A 274 -17.80 14.42 -6.10
N THR A 275 -16.90 14.86 -7.01
CA THR A 275 -15.73 14.05 -7.39
C THR A 275 -14.74 13.92 -6.21
N LEU A 276 -14.63 14.97 -5.38
CA LEU A 276 -13.75 14.95 -4.21
C LEU A 276 -14.48 14.48 -2.91
N THR A 277 -15.34 13.44 -3.00
CA THR A 277 -15.99 12.88 -1.81
C THR A 277 -14.91 12.10 -1.04
N LYS A 278 -14.66 12.43 0.25
CA LYS A 278 -13.60 11.78 1.04
C LYS A 278 -13.75 10.24 1.05
N SER A 279 -14.99 9.75 1.26
CA SER A 279 -15.26 8.33 1.35
C SER A 279 -15.32 7.66 -0.02
N PRO A 280 -14.45 6.66 -0.30
CA PRO A 280 -14.54 5.97 -1.60
C PRO A 280 -15.87 5.24 -1.79
N LYS A 281 -16.52 4.75 -0.70
CA LYS A 281 -17.81 4.05 -0.83
C LYS A 281 -18.92 4.99 -1.34
N LYS A 282 -18.86 6.29 -0.98
CA LYS A 282 -19.85 7.28 -1.40
C LYS A 282 -19.46 8.04 -2.69
N ARG A 283 -18.22 7.89 -3.19
CA ARG A 283 -17.75 8.61 -4.38
C ARG A 283 -18.40 8.05 -5.66
N PRO A 284 -19.00 8.87 -6.54
CA PRO A 284 -19.65 8.30 -7.75
C PRO A 284 -18.68 7.74 -8.77
N SER A 285 -19.15 6.76 -9.54
CA SER A 285 -18.38 6.11 -10.60
C SER A 285 -18.25 7.02 -11.84
N ALA A 286 -17.41 6.63 -12.83
CA ALA A 286 -17.22 7.41 -14.04
C ALA A 286 -18.52 7.53 -14.87
N THR A 287 -19.30 6.43 -15.02
CA THR A 287 -20.56 6.48 -15.77
C THR A 287 -21.61 7.33 -15.04
N LYS A 288 -21.65 7.29 -13.70
CA LYS A 288 -22.56 8.11 -12.91
C LYS A 288 -22.20 9.59 -13.04
N MET A 289 -20.89 9.91 -13.09
CA MET A 289 -20.43 11.28 -13.26
C MET A 289 -20.76 11.85 -14.65
N LEU A 290 -20.94 11.00 -15.68
CA LEU A 290 -21.30 11.49 -17.01
C LEU A 290 -22.73 12.07 -17.08
N SER A 291 -23.60 11.75 -16.09
CA SER A 291 -24.94 12.30 -15.99
C SER A 291 -24.98 13.65 -15.18
N HIS A 292 -23.81 14.11 -14.65
CA HIS A 292 -23.73 15.36 -13.87
C HIS A 292 -24.03 16.57 -14.75
N GLN A 293 -24.66 17.59 -14.17
CA GLN A 293 -25.06 18.80 -14.90
C GLN A 293 -23.91 19.44 -15.70
N LEU A 294 -22.70 19.50 -15.11
CA LEU A 294 -21.54 20.13 -15.73
C LEU A 294 -21.13 19.48 -17.05
N VAL A 295 -21.05 18.15 -17.10
CA VAL A 295 -20.59 17.45 -18.32
C VAL A 295 -21.75 17.05 -19.25
N SER A 296 -23.01 17.06 -18.76
CA SER A 296 -24.17 16.77 -19.60
C SER A 296 -24.75 18.04 -20.28
N GLN A 297 -24.31 19.25 -19.90
CA GLN A 297 -24.83 20.48 -20.48
C GLN A 297 -24.62 20.58 -22.00
N PRO A 298 -25.52 21.27 -22.73
CA PRO A 298 -25.27 21.45 -24.17
C PRO A 298 -24.21 22.54 -24.43
N GLY A 299 -23.70 22.56 -25.66
CA GLY A 299 -22.65 23.51 -26.04
C GLY A 299 -21.23 23.02 -25.80
N LEU A 300 -21.08 21.77 -25.30
CA LEU A 300 -19.78 21.14 -25.08
C LEU A 300 -19.39 20.41 -26.37
N ASN A 301 -18.33 20.88 -27.03
CA ASN A 301 -17.85 20.28 -28.27
C ASN A 301 -16.37 20.58 -28.46
N ARG A 302 -15.75 19.82 -29.37
CA ARG A 302 -14.34 19.94 -29.74
C ARG A 302 -13.93 21.40 -30.07
N GLY A 303 -14.87 22.24 -30.51
CA GLY A 303 -14.60 23.65 -30.83
C GLY A 303 -14.00 24.42 -29.67
N LEU A 304 -14.42 24.10 -28.44
CA LEU A 304 -13.90 24.73 -27.23
C LEU A 304 -12.40 24.47 -27.10
N ILE A 305 -11.94 23.25 -27.41
CA ILE A 305 -10.52 22.89 -27.36
C ILE A 305 -9.77 23.49 -28.54
N LEU A 306 -10.40 23.56 -29.73
CA LEU A 306 -9.76 24.16 -30.89
C LEU A 306 -9.43 25.64 -30.63
N ASP A 307 -10.33 26.35 -29.91
CA ASP A 307 -10.12 27.73 -29.45
C ASP A 307 -8.93 27.85 -28.48
N LEU A 308 -8.66 26.80 -27.70
CA LEU A 308 -7.53 26.79 -26.76
C LEU A 308 -6.20 26.65 -27.51
N LEU A 309 -6.18 25.87 -28.61
CA LEU A 309 -4.97 25.71 -29.43
C LEU A 309 -4.64 26.97 -30.25
N ASP A 310 -5.64 27.82 -30.52
CA ASP A 310 -5.44 29.08 -31.25
C ASP A 310 -4.70 30.09 -30.36
N LYS A 311 -5.08 30.18 -29.06
CA LYS A 311 -4.40 31.07 -28.11
C LYS A 311 -2.93 30.64 -27.90
N LEU A 312 -2.65 29.35 -28.02
CA LEU A 312 -1.32 28.77 -27.89
C LEU A 312 -0.46 29.12 -29.10
N LYS A 313 -1.06 29.12 -30.31
CA LYS A 313 -0.35 29.41 -31.57
C LYS A 313 -0.16 30.91 -31.86
N ASN A 314 -1.11 31.77 -31.42
CA ASN A 314 -1.06 33.21 -31.68
C ASN A 314 -0.77 34.12 -30.46
N PRO A 315 0.09 33.79 -29.46
CA PRO A 315 0.41 34.78 -28.41
C PRO A 315 1.56 35.73 -28.80
N GLY A 316 2.39 35.33 -29.77
CA GLY A 316 3.52 36.13 -30.23
C GLY A 316 3.10 37.36 -31.00
N LYS A 317 4.00 38.37 -31.04
CA LYS A 317 3.77 39.64 -31.71
C LYS A 317 4.09 39.55 -33.22
N GLY A 318 3.54 40.48 -34.00
CA GLY A 318 3.76 40.54 -35.44
C GLY A 318 5.01 41.30 -35.83
N PRO A 319 5.37 41.29 -37.14
CA PRO A 319 6.57 42.01 -37.58
C PRO A 319 6.41 43.53 -37.61
N SER A 320 7.39 44.27 -37.07
CA SER A 320 7.38 45.74 -37.03
C SER A 320 8.65 46.33 -37.66
N ILE A 321 9.84 45.81 -37.28
CA ILE A 321 11.13 46.27 -37.78
C ILE A 321 11.62 45.52 -39.04
N GLY A 322 10.97 44.41 -39.42
CA GLY A 322 11.34 43.66 -40.60
C GLY A 322 11.01 44.37 -41.89
N ASP A 323 12.00 45.06 -42.49
CA ASP A 323 11.80 45.79 -43.72
C ASP A 323 11.62 44.82 -44.92
N ILE A 324 12.67 44.02 -45.27
CA ILE A 324 12.65 43.04 -46.37
C ILE A 324 12.08 43.72 -47.69
N GLU A 325 11.18 43.09 -48.50
CA GLU A 325 10.66 43.73 -49.72
C GLU A 325 9.34 43.07 -50.15
N ASP B 28 27.52 -3.98 12.19
CA ASP B 28 27.16 -4.57 13.48
C ASP B 28 27.29 -6.11 13.43
N ILE B 29 26.79 -6.74 12.36
CA ILE B 29 26.83 -8.19 12.18
C ILE B 29 28.25 -8.80 12.29
N PHE B 30 28.38 -9.86 13.08
CA PHE B 30 29.61 -10.62 13.26
C PHE B 30 29.80 -11.45 12.00
N ASN B 31 30.97 -11.38 11.33
CA ASN B 31 31.24 -12.20 10.15
C ASN B 31 32.02 -13.46 10.55
N ARG B 32 31.75 -14.00 11.75
CA ARG B 32 32.41 -15.19 12.32
C ARG B 32 31.45 -16.39 12.34
N ASP B 33 31.97 -17.60 12.61
CA ASP B 33 31.14 -18.81 12.69
C ASP B 33 30.41 -18.80 14.05
N PRO B 34 29.08 -19.07 14.10
CA PRO B 34 28.38 -19.05 15.40
C PRO B 34 28.84 -20.12 16.40
N ARG B 35 29.36 -21.26 15.91
CA ARG B 35 29.86 -22.34 16.77
C ARG B 35 31.08 -21.91 17.63
N ASP B 36 31.66 -20.71 17.39
CA ASP B 36 32.76 -20.20 18.19
C ASP B 36 32.23 -19.71 19.55
N HIS B 37 31.06 -19.02 19.55
CA HIS B 37 30.46 -18.46 20.75
C HIS B 37 29.38 -19.31 21.42
N TYR B 38 28.73 -20.23 20.68
CA TYR B 38 27.66 -21.06 21.20
C TYR B 38 27.79 -22.55 20.84
N ASP B 39 27.26 -23.42 21.70
CA ASP B 39 27.22 -24.87 21.51
C ASP B 39 25.78 -25.23 21.08
N LEU B 40 25.59 -25.81 19.89
CA LEU B 40 24.25 -26.20 19.44
C LEU B 40 23.79 -27.46 20.19
N LEU B 41 22.55 -27.47 20.71
CA LEU B 41 22.03 -28.60 21.48
C LEU B 41 20.99 -29.44 20.70
N GLN B 42 19.94 -28.80 20.14
CA GLN B 42 18.93 -29.53 19.38
C GLN B 42 18.13 -28.64 18.43
N ARG B 43 17.51 -29.23 17.42
CA ARG B 43 16.70 -28.49 16.45
C ARG B 43 15.31 -28.32 17.07
N LEU B 44 14.84 -27.09 17.22
CA LEU B 44 13.50 -26.84 17.75
C LEU B 44 12.48 -26.95 16.60
N GLY B 45 12.74 -26.27 15.49
CA GLY B 45 11.85 -26.34 14.34
C GLY B 45 12.46 -25.82 13.06
N GLY B 46 11.62 -25.53 12.08
CA GLY B 46 12.07 -25.01 10.80
C GLY B 46 10.99 -24.97 9.74
N GLY B 47 11.37 -24.60 8.53
CA GLY B 47 10.45 -24.51 7.41
C GLY B 47 11.09 -23.84 6.22
N THR B 48 10.28 -23.12 5.41
CA THR B 48 10.76 -22.45 4.21
C THR B 48 11.85 -21.41 4.51
N TYR B 49 11.63 -20.49 5.48
CA TYR B 49 12.61 -19.44 5.78
C TYR B 49 13.91 -20.02 6.40
N GLY B 50 13.81 -20.73 7.53
CA GLY B 50 14.99 -21.31 8.15
C GLY B 50 14.78 -22.18 9.37
N GLU B 51 15.82 -22.97 9.71
CA GLU B 51 15.82 -23.86 10.87
C GLU B 51 16.11 -23.08 12.15
N VAL B 52 15.52 -23.48 13.28
CA VAL B 52 15.74 -22.82 14.56
C VAL B 52 16.36 -23.83 15.51
N PHE B 53 17.40 -23.44 16.25
CA PHE B 53 18.09 -24.36 17.16
C PHE B 53 18.20 -23.82 18.58
N LYS B 54 18.20 -24.73 19.55
CA LYS B 54 18.47 -24.41 20.95
C LYS B 54 20.00 -24.38 21.06
N ALA B 55 20.56 -23.42 21.79
CA ALA B 55 22.01 -23.31 21.93
C ALA B 55 22.41 -22.71 23.27
N ARG B 56 23.63 -23.01 23.75
CA ARG B 56 24.14 -22.52 25.03
C ARG B 56 25.38 -21.67 24.82
N ASP B 57 25.48 -20.54 25.53
CA ASP B 57 26.64 -19.66 25.45
C ASP B 57 27.83 -20.34 26.12
N LYS B 58 29.00 -20.33 25.45
CA LYS B 58 30.19 -21.00 25.99
C LYS B 58 30.73 -20.33 27.26
N VAL B 59 30.78 -18.99 27.29
CA VAL B 59 31.29 -18.26 28.45
C VAL B 59 30.26 -18.20 29.61
N SER B 60 29.05 -17.66 29.37
CA SER B 60 28.02 -17.48 30.40
C SER B 60 27.16 -18.72 30.72
N GLY B 61 27.04 -19.65 29.79
CA GLY B 61 26.19 -20.83 29.99
C GLY B 61 24.70 -20.58 29.79
N ASP B 62 24.29 -19.33 29.48
CA ASP B 62 22.88 -18.99 29.27
C ASP B 62 22.39 -19.54 27.93
N LEU B 63 21.12 -19.98 27.86
CA LEU B 63 20.54 -20.52 26.62
C LEU B 63 20.05 -19.41 25.70
N VAL B 64 20.12 -19.65 24.40
CA VAL B 64 19.66 -18.75 23.34
C VAL B 64 19.06 -19.62 22.21
N ALA B 65 18.24 -18.99 21.37
CA ALA B 65 17.70 -19.64 20.17
C ALA B 65 18.45 -19.04 18.99
N LEU B 66 18.80 -19.86 18.00
CA LEU B 66 19.46 -19.40 16.80
C LEU B 66 18.62 -19.73 15.58
N LYS B 67 18.13 -18.70 14.87
CA LYS B 67 17.36 -18.87 13.65
C LYS B 67 18.36 -18.81 12.47
N MET B 68 18.67 -19.96 11.86
CA MET B 68 19.57 -20.05 10.72
C MET B 68 18.77 -19.84 9.43
N VAL B 69 19.00 -18.73 8.73
CA VAL B 69 18.31 -18.43 7.48
C VAL B 69 19.27 -18.63 6.31
N LYS B 70 18.88 -19.41 5.28
CA LYS B 70 19.71 -19.61 4.10
C LYS B 70 19.71 -18.32 3.29
N MET B 71 20.80 -17.54 3.40
CA MET B 71 20.94 -16.23 2.77
C MET B 71 22.23 -16.12 1.95
N GLU B 72 22.15 -16.30 0.61
CA GLU B 72 23.29 -16.16 -0.30
C GLU B 72 22.80 -15.80 -1.73
N PRO B 73 22.09 -16.69 -2.48
CA PRO B 73 21.57 -16.30 -3.81
C PRO B 73 20.17 -15.65 -3.76
N ASP B 74 19.60 -15.43 -2.55
CA ASP B 74 18.25 -14.86 -2.38
C ASP B 74 18.18 -13.38 -2.74
N ASP B 75 17.23 -13.02 -3.62
CA ASP B 75 17.03 -11.64 -4.06
C ASP B 75 16.22 -10.83 -3.04
N ASP B 76 16.50 -9.51 -2.97
CA ASP B 76 15.83 -8.55 -2.08
C ASP B 76 15.83 -8.98 -0.61
N VAL B 77 17.01 -8.98 0.03
CA VAL B 77 17.13 -9.33 1.46
C VAL B 77 16.74 -8.15 2.38
N SER B 78 15.95 -7.17 1.87
CA SER B 78 15.48 -6.06 2.70
C SER B 78 14.52 -6.56 3.81
N THR B 79 13.91 -7.77 3.65
CA THR B 79 13.02 -8.38 4.65
C THR B 79 13.87 -8.82 5.86
N LEU B 80 14.96 -9.57 5.63
CA LEU B 80 15.86 -10.00 6.71
C LEU B 80 16.54 -8.76 7.37
N GLN B 81 16.90 -7.76 6.55
CA GLN B 81 17.50 -6.50 7.00
C GLN B 81 16.56 -5.74 7.94
N LYS B 82 15.27 -5.58 7.56
CA LYS B 82 14.29 -4.87 8.39
C LYS B 82 13.90 -5.66 9.66
N GLU B 83 13.92 -7.01 9.61
CA GLU B 83 13.58 -7.82 10.79
C GLU B 83 14.63 -7.66 11.87
N ILE B 84 15.93 -7.75 11.49
CA ILE B 84 17.04 -7.56 12.42
C ILE B 84 17.08 -6.13 12.93
N LEU B 85 16.74 -5.14 12.09
CA LEU B 85 16.71 -3.74 12.52
C LEU B 85 15.65 -3.52 13.61
N ILE B 86 14.43 -4.09 13.39
CA ILE B 86 13.30 -4.04 14.33
C ILE B 86 13.73 -4.64 15.67
N LEU B 87 14.38 -5.80 15.61
CA LEU B 87 14.84 -6.51 16.79
C LEU B 87 15.92 -5.76 17.60
N LYS B 88 16.95 -5.21 16.93
CA LYS B 88 18.06 -4.50 17.58
C LYS B 88 17.58 -3.25 18.28
N THR B 89 16.66 -2.51 17.67
CA THR B 89 16.15 -1.25 18.25
C THR B 89 15.10 -1.44 19.35
N CYS B 90 14.46 -2.62 19.39
CA CYS B 90 13.47 -2.95 20.40
C CYS B 90 14.20 -3.33 21.63
N ARG B 91 14.00 -2.57 22.67
CA ARG B 91 14.50 -2.87 24.00
C ARG B 91 13.35 -2.76 25.00
N HIS B 92 12.68 -3.89 25.26
CA HIS B 92 11.59 -3.94 26.23
C HIS B 92 11.48 -5.34 26.81
N ALA B 93 11.02 -5.43 28.06
CA ALA B 93 10.87 -6.71 28.75
C ALA B 93 9.92 -7.67 28.01
N ASN B 94 8.81 -7.16 27.43
CA ASN B 94 7.84 -8.01 26.74
C ASN B 94 8.10 -8.20 25.26
N ILE B 95 9.31 -7.88 24.74
CA ILE B 95 9.67 -8.15 23.35
C ILE B 95 10.82 -9.11 23.42
N VAL B 96 10.85 -10.18 22.59
CA VAL B 96 11.98 -11.14 22.60
C VAL B 96 13.33 -10.41 22.48
N ALA B 97 14.28 -10.71 23.39
CA ALA B 97 15.57 -10.05 23.33
C ALA B 97 16.37 -10.52 22.13
N TYR B 98 17.15 -9.60 21.56
CA TYR B 98 18.03 -9.85 20.41
C TYR B 98 19.48 -9.77 20.90
N HIS B 99 20.30 -10.77 20.56
CA HIS B 99 21.69 -10.84 21.02
C HIS B 99 22.73 -10.50 19.96
N GLY B 100 22.46 -10.85 18.70
CA GLY B 100 23.38 -10.57 17.62
C GLY B 100 23.09 -11.41 16.39
N SER B 101 23.90 -11.24 15.33
CA SER B 101 23.75 -11.99 14.09
C SER B 101 25.11 -12.42 13.53
N TYR B 102 25.13 -13.55 12.82
CA TYR B 102 26.35 -14.11 12.23
C TYR B 102 26.14 -14.44 10.76
N LEU B 103 27.20 -14.28 9.94
CA LEU B 103 27.21 -14.62 8.52
C LEU B 103 28.43 -15.52 8.32
N TRP B 104 28.21 -16.85 8.24
CA TRP B 104 29.28 -17.82 8.08
C TRP B 104 28.78 -18.97 7.20
N LEU B 105 29.47 -19.20 6.07
CA LEU B 105 29.14 -20.23 5.07
C LEU B 105 27.77 -19.97 4.41
N GLN B 106 27.52 -18.70 4.02
CA GLN B 106 26.28 -18.27 3.35
C GLN B 106 25.00 -18.54 4.14
N LYS B 107 25.07 -18.48 5.49
CA LYS B 107 23.92 -18.69 6.36
C LYS B 107 23.88 -17.55 7.39
N LEU B 108 22.69 -16.96 7.61
CA LEU B 108 22.52 -15.86 8.54
C LEU B 108 21.89 -16.39 9.83
N TRP B 109 22.69 -16.53 10.91
CA TRP B 109 22.22 -17.01 12.21
C TRP B 109 21.81 -15.83 13.07
N ILE B 110 20.51 -15.71 13.42
CA ILE B 110 20.00 -14.63 14.25
C ILE B 110 19.90 -15.19 15.65
N CYS B 111 20.65 -14.61 16.58
CA CYS B 111 20.66 -15.05 17.96
C CYS B 111 19.63 -14.29 18.75
N MET B 112 18.68 -15.01 19.35
CA MET B 112 17.60 -14.41 20.12
C MET B 112 17.35 -15.14 21.44
N GLU B 113 16.58 -14.49 22.33
CA GLU B 113 16.22 -14.99 23.65
C GLU B 113 15.60 -16.38 23.56
N PHE B 114 16.03 -17.30 24.43
CA PHE B 114 15.48 -18.64 24.47
C PHE B 114 14.25 -18.60 25.38
N CYS B 115 13.13 -19.14 24.90
CA CYS B 115 11.87 -19.18 25.62
C CYS B 115 11.42 -20.66 25.71
N GLY B 116 11.95 -21.34 26.73
CA GLY B 116 11.78 -22.76 27.03
C GLY B 116 10.45 -23.43 26.78
N ALA B 117 9.35 -22.83 27.24
CA ALA B 117 8.03 -23.44 27.05
C ALA B 117 7.45 -23.29 25.63
N GLY B 118 8.16 -22.59 24.73
CA GLY B 118 7.68 -22.37 23.37
C GLY B 118 6.58 -21.32 23.34
N SER B 119 5.68 -21.41 22.34
CA SER B 119 4.57 -20.46 22.19
C SER B 119 3.37 -20.90 23.01
N LEU B 120 2.45 -19.95 23.29
CA LEU B 120 1.19 -20.30 23.95
C LEU B 120 0.42 -21.36 23.11
N GLN B 121 0.49 -21.30 21.76
CA GLN B 121 -0.16 -22.31 20.93
C GLN B 121 0.38 -23.73 21.27
N ASP B 122 1.72 -23.91 21.33
CA ASP B 122 2.34 -25.19 21.70
C ASP B 122 1.86 -25.67 23.07
N ILE B 123 1.61 -24.74 24.00
CA ILE B 123 1.15 -25.05 25.34
C ILE B 123 -0.33 -25.46 25.37
N TYR B 124 -1.25 -24.62 24.86
CA TYR B 124 -2.69 -24.94 24.91
C TYR B 124 -3.03 -26.17 24.05
N GLN B 125 -2.21 -26.54 23.07
CA GLN B 125 -2.45 -27.78 22.32
C GLN B 125 -2.30 -29.04 23.22
N VAL B 126 -1.56 -28.92 24.35
CA VAL B 126 -1.38 -29.99 25.32
C VAL B 126 -2.28 -29.74 26.56
N THR B 127 -2.17 -28.56 27.20
CA THR B 127 -2.91 -28.26 28.41
C THR B 127 -4.40 -27.99 28.23
N GLY B 128 -4.80 -27.58 27.03
CA GLY B 128 -6.17 -27.18 26.80
C GLY B 128 -6.39 -25.73 27.19
N SER B 129 -7.66 -25.31 27.19
CA SER B 129 -8.09 -23.95 27.49
C SER B 129 -7.39 -23.29 28.67
N LEU B 130 -6.98 -22.01 28.52
CA LEU B 130 -6.37 -21.27 29.63
C LEU B 130 -7.48 -20.70 30.53
N SER B 131 -7.14 -20.39 31.80
CA SER B 131 -8.09 -19.81 32.73
C SER B 131 -8.21 -18.30 32.45
N GLU B 132 -9.29 -17.66 32.94
CA GLU B 132 -9.49 -16.24 32.74
C GLU B 132 -8.35 -15.41 33.32
N LEU B 133 -7.78 -15.80 34.47
CA LEU B 133 -6.67 -15.06 35.08
C LEU B 133 -5.36 -15.25 34.29
N GLN B 134 -5.13 -16.45 33.77
CA GLN B 134 -3.95 -16.73 32.96
C GLN B 134 -4.03 -15.92 31.66
N ILE B 135 -5.24 -15.76 31.08
CA ILE B 135 -5.44 -14.96 29.86
C ILE B 135 -5.26 -13.47 30.18
N SER B 136 -5.71 -13.01 31.35
CA SER B 136 -5.57 -11.58 31.73
C SER B 136 -4.09 -11.22 31.97
N TYR B 137 -3.29 -12.17 32.44
CA TYR B 137 -1.84 -11.93 32.64
C TYR B 137 -1.19 -11.80 31.26
N VAL B 138 -1.49 -12.73 30.33
CA VAL B 138 -0.96 -12.71 28.97
C VAL B 138 -1.38 -11.41 28.26
N CYS B 139 -2.65 -11.02 28.37
CA CYS B 139 -3.13 -9.78 27.75
C CYS B 139 -2.41 -8.56 28.29
N ARG B 140 -2.15 -8.51 29.62
CA ARG B 140 -1.42 -7.38 30.18
C ARG B 140 0.00 -7.34 29.63
N GLU B 141 0.69 -8.49 29.59
CA GLU B 141 2.06 -8.53 29.08
C GLU B 141 2.15 -8.18 27.57
N VAL B 142 1.19 -8.63 26.75
CA VAL B 142 1.18 -8.29 25.33
C VAL B 142 0.88 -6.80 25.17
N LEU B 143 -0.08 -6.25 25.94
CA LEU B 143 -0.40 -4.82 25.88
C LEU B 143 0.80 -3.96 26.24
N GLN B 144 1.62 -4.38 27.22
CA GLN B 144 2.83 -3.65 27.57
C GLN B 144 3.82 -3.65 26.40
N GLY B 145 3.99 -4.79 25.74
CA GLY B 145 4.84 -4.88 24.57
C GLY B 145 4.34 -4.07 23.38
N LEU B 146 3.00 -4.02 23.18
CA LEU B 146 2.39 -3.27 22.08
C LEU B 146 2.48 -1.76 22.32
N ALA B 147 2.30 -1.30 23.57
CA ALA B 147 2.43 0.12 23.89
C ALA B 147 3.85 0.61 23.62
N TYR B 148 4.86 -0.25 23.88
CA TYR B 148 6.24 0.09 23.57
C TYR B 148 6.43 0.16 22.04
N LEU B 149 6.04 -0.90 21.29
CA LEU B 149 6.19 -0.94 19.83
C LEU B 149 5.51 0.26 19.16
N HIS B 150 4.30 0.60 19.60
CA HIS B 150 3.53 1.68 19.03
C HIS B 150 4.16 3.03 19.33
N SER B 151 4.77 3.20 20.52
CA SER B 151 5.48 4.43 20.87
C SER B 151 6.71 4.62 19.95
N GLN B 152 7.36 3.52 19.53
CA GLN B 152 8.48 3.54 18.57
C GLN B 152 7.99 3.61 17.10
N LYS B 153 6.68 3.85 16.86
CA LYS B 153 6.09 3.90 15.53
C LYS B 153 6.26 2.57 14.73
N LYS B 154 6.10 1.42 15.43
CA LYS B 154 6.16 0.07 14.84
C LYS B 154 4.81 -0.64 15.02
N ILE B 155 4.48 -1.56 14.11
CA ILE B 155 3.25 -2.35 14.16
C ILE B 155 3.68 -3.81 14.14
N HIS B 156 3.16 -4.66 15.04
CA HIS B 156 3.52 -6.08 15.02
C HIS B 156 2.87 -6.74 13.78
N ARG B 157 1.55 -6.53 13.61
CA ARG B 157 0.71 -7.02 12.50
C ARG B 157 0.54 -8.53 12.47
N ASP B 158 1.02 -9.30 13.48
CA ASP B 158 0.81 -10.74 13.50
C ASP B 158 0.67 -11.27 14.94
N ILE B 159 -0.11 -10.56 15.77
CA ILE B 159 -0.37 -10.99 17.13
C ILE B 159 -1.30 -12.21 17.07
N LYS B 160 -0.85 -13.29 17.68
CA LYS B 160 -1.55 -14.58 17.78
C LYS B 160 -0.79 -15.48 18.79
N GLY B 161 -1.45 -16.49 19.34
CA GLY B 161 -0.84 -17.43 20.29
C GLY B 161 0.51 -18.00 19.87
N ALA B 162 0.70 -18.29 18.59
CA ALA B 162 1.96 -18.83 18.06
C ALA B 162 3.14 -17.84 18.12
N ASN B 163 2.85 -16.51 18.22
CA ASN B 163 3.91 -15.48 18.26
C ASN B 163 4.09 -14.86 19.65
N ILE B 164 3.54 -15.52 20.68
CA ILE B 164 3.66 -15.12 22.06
C ILE B 164 4.42 -16.25 22.71
N LEU B 165 5.68 -15.99 23.06
CA LEU B 165 6.53 -16.99 23.65
C LEU B 165 6.52 -16.87 25.16
N ILE B 166 6.70 -18.02 25.80
CA ILE B 166 6.71 -18.18 27.24
C ILE B 166 8.06 -18.79 27.62
N ASN B 167 8.78 -18.19 28.56
CA ASN B 167 10.07 -18.77 29.00
C ASN B 167 9.86 -19.67 30.28
N ASP B 168 10.94 -20.30 30.77
CA ASP B 168 10.82 -21.19 31.94
C ASP B 168 10.43 -20.45 33.25
N ALA B 169 10.60 -19.14 33.33
CA ALA B 169 10.17 -18.35 34.47
C ALA B 169 8.71 -17.86 34.33
N GLY B 170 7.97 -18.30 33.30
CA GLY B 170 6.59 -17.88 33.06
C GLY B 170 6.44 -16.47 32.51
N GLU B 171 7.51 -15.90 31.95
CA GLU B 171 7.47 -14.55 31.39
C GLU B 171 7.02 -14.57 29.91
N VAL B 172 6.28 -13.52 29.51
CA VAL B 172 5.63 -13.40 28.21
C VAL B 172 6.39 -12.47 27.26
N ARG B 173 6.64 -12.94 26.02
CA ARG B 173 7.42 -12.20 25.03
C ARG B 173 6.75 -12.18 23.67
N LEU B 174 6.68 -11.02 23.04
CA LEU B 174 6.19 -10.87 21.68
C LEU B 174 7.32 -11.25 20.77
N ALA B 175 7.03 -12.03 19.75
CA ALA B 175 8.05 -12.54 18.85
C ALA B 175 7.57 -12.58 17.39
N ASP B 176 8.53 -12.79 16.46
CA ASP B 176 8.34 -12.95 15.03
C ASP B 176 7.81 -11.68 14.35
N PHE B 177 8.73 -10.75 14.13
CA PHE B 177 8.44 -9.53 13.40
C PHE B 177 8.63 -9.76 11.88
N GLY B 178 8.57 -11.00 11.40
CA GLY B 178 8.71 -11.34 9.99
C GLY B 178 7.64 -10.75 9.11
N ILE B 179 6.37 -10.72 9.58
CA ILE B 179 5.28 -10.12 8.80
C ILE B 179 5.48 -8.61 8.74
N SER B 180 5.77 -7.98 9.89
CA SER B 180 5.97 -6.53 9.90
C SER B 180 7.20 -6.14 9.09
N ALA B 181 8.22 -7.03 8.98
CA ALA B 181 9.42 -6.78 8.20
C ALA B 181 9.10 -6.89 6.70
N GLN B 182 8.26 -7.87 6.28
CA GLN B 182 7.84 -7.99 4.89
C GLN B 182 7.00 -6.78 4.48
N ILE B 183 6.13 -6.28 5.37
CA ILE B 183 5.31 -5.11 5.10
C ILE B 183 6.19 -3.85 5.09
N GLY B 184 7.05 -3.70 6.08
CA GLY B 184 7.95 -2.56 6.17
C GLY B 184 8.86 -2.39 4.97
N ALA B 185 9.41 -3.52 4.44
CA ALA B 185 10.28 -3.50 3.28
C ALA B 185 9.49 -3.21 2.00
N THR B 186 8.27 -3.73 1.89
CA THR B 186 7.41 -3.48 0.74
C THR B 186 7.03 -1.99 0.75
N LEU B 187 6.40 -1.51 1.84
CA LEU B 187 5.99 -0.11 1.98
C LEU B 187 7.18 0.75 2.43
N ALA B 188 8.19 0.91 1.55
CA ALA B 188 9.37 1.74 1.80
C ALA B 188 10.18 1.97 0.51
N ARG B 189 10.46 0.90 -0.25
CA ARG B 189 11.22 0.99 -1.51
C ARG B 189 10.52 0.21 -2.64
N ARG B 190 10.15 -1.06 -2.38
CA ARG B 190 9.48 -1.90 -3.38
C ARG B 190 8.08 -1.38 -3.80
N LEU B 191 7.45 -0.53 -2.96
CA LEU B 191 6.14 0.04 -3.27
C LEU B 191 6.00 1.47 -2.72
N SER B 192 7.09 2.26 -2.79
CA SER B 192 7.07 3.66 -2.36
C SER B 192 8.16 4.45 -3.11
N PHE B 193 8.14 4.31 -4.44
CA PHE B 193 9.02 5.00 -5.39
C PHE B 193 8.03 5.69 -6.33
N ILE B 194 7.24 6.62 -5.74
CA ILE B 194 6.18 7.35 -6.44
C ILE B 194 6.35 8.84 -6.16
N GLY B 195 6.16 9.65 -7.20
CA GLY B 195 6.34 11.08 -7.12
C GLY B 195 5.28 11.86 -6.37
N THR B 196 4.64 12.79 -7.07
CA THR B 196 3.65 13.73 -6.53
C THR B 196 2.37 13.13 -5.83
N PRO B 197 2.17 13.45 -4.53
CA PRO B 197 0.91 13.11 -3.85
C PRO B 197 -0.27 14.07 -4.08
N TYR B 198 -0.04 15.24 -4.70
CA TYR B 198 -1.07 16.27 -4.87
C TYR B 198 -2.37 15.81 -5.53
N TRP B 199 -2.32 14.85 -6.45
CA TRP B 199 -3.51 14.34 -7.14
C TRP B 199 -4.03 13.02 -6.55
N MET B 200 -3.37 12.45 -5.52
CA MET B 200 -3.79 11.19 -4.95
C MET B 200 -5.00 11.32 -4.07
N ALA B 201 -5.95 10.40 -4.20
CA ALA B 201 -7.11 10.37 -3.30
C ALA B 201 -6.64 10.05 -1.84
N PRO B 202 -7.41 10.39 -0.79
CA PRO B 202 -6.94 10.09 0.59
C PRO B 202 -6.71 8.59 0.86
N GLU B 203 -7.54 7.69 0.27
CA GLU B 203 -7.32 6.26 0.45
C GLU B 203 -6.02 5.81 -0.25
N VAL B 204 -5.62 6.47 -1.37
CA VAL B 204 -4.36 6.13 -2.05
C VAL B 204 -3.19 6.62 -1.19
N ALA B 205 -3.31 7.83 -0.59
CA ALA B 205 -2.29 8.40 0.27
C ALA B 205 -2.05 7.51 1.49
N ALA B 206 -3.13 6.99 2.10
CA ALA B 206 -3.05 6.09 3.24
C ALA B 206 -2.24 4.82 2.88
N VAL B 207 -2.50 4.21 1.72
CA VAL B 207 -1.75 3.01 1.30
C VAL B 207 -0.28 3.34 1.04
N ALA B 208 0.00 4.49 0.40
CA ALA B 208 1.37 4.89 0.11
C ALA B 208 2.17 5.13 1.38
N LEU B 209 1.58 5.84 2.36
CA LEU B 209 2.25 6.18 3.61
C LEU B 209 2.29 5.02 4.63
N LYS B 210 1.11 4.45 4.99
CA LYS B 210 0.97 3.42 6.02
C LYS B 210 0.67 1.99 5.54
N GLY B 211 -0.10 1.88 4.47
CA GLY B 211 -0.59 0.59 3.98
C GLY B 211 -2.08 0.41 4.12
N GLY B 212 -2.83 1.44 4.55
CA GLY B 212 -4.29 1.41 4.67
C GLY B 212 -4.90 1.15 6.04
N TYR B 213 -4.08 1.08 7.08
CA TYR B 213 -4.45 0.77 8.49
C TYR B 213 -3.36 1.29 9.44
N ASN B 214 -3.65 1.31 10.74
CA ASN B 214 -2.72 1.81 11.76
C ASN B 214 -2.47 0.75 12.84
N GLU B 215 -1.61 1.08 13.83
CA GLU B 215 -1.23 0.23 14.94
C GLU B 215 -2.42 -0.40 15.69
N LEU B 216 -3.62 0.17 15.56
CA LEU B 216 -4.80 -0.38 16.24
C LEU B 216 -5.25 -1.71 15.67
N CYS B 217 -4.68 -2.17 14.55
CA CYS B 217 -4.98 -3.52 14.05
C CYS B 217 -4.45 -4.58 15.07
N ASP B 218 -3.34 -4.27 15.81
CA ASP B 218 -2.75 -5.13 16.84
C ASP B 218 -3.69 -5.30 18.04
N ILE B 219 -4.50 -4.28 18.35
CA ILE B 219 -5.46 -4.33 19.44
C ILE B 219 -6.56 -5.34 19.10
N TRP B 220 -7.05 -5.31 17.83
CA TRP B 220 -8.05 -6.28 17.38
C TRP B 220 -7.48 -7.70 17.46
N SER B 221 -6.25 -7.91 16.95
CA SER B 221 -5.59 -9.20 16.95
C SER B 221 -5.41 -9.76 18.36
N LEU B 222 -5.14 -8.89 19.34
CA LEU B 222 -5.03 -9.29 20.73
C LEU B 222 -6.37 -9.85 21.22
N GLY B 223 -7.46 -9.16 20.90
CA GLY B 223 -8.81 -9.61 21.21
C GLY B 223 -9.12 -10.97 20.60
N ILE B 224 -8.72 -11.22 19.34
CA ILE B 224 -8.89 -12.54 18.73
C ILE B 224 -8.03 -13.60 19.47
N THR B 225 -6.81 -13.20 19.89
CA THR B 225 -5.89 -14.07 20.60
C THR B 225 -6.46 -14.45 21.97
N ALA B 226 -7.11 -13.52 22.66
CA ALA B 226 -7.77 -13.80 23.93
C ALA B 226 -8.86 -14.87 23.77
N ILE B 227 -9.64 -14.83 22.65
CA ILE B 227 -10.63 -15.86 22.34
C ILE B 227 -9.91 -17.18 22.04
N GLU B 228 -8.83 -17.13 21.26
CA GLU B 228 -8.03 -18.29 20.91
C GLU B 228 -7.51 -19.02 22.17
N LEU B 229 -7.14 -18.28 23.22
CA LEU B 229 -6.64 -18.88 24.47
C LEU B 229 -7.78 -19.48 25.28
N ALA B 230 -8.99 -18.89 25.21
CA ALA B 230 -10.16 -19.38 25.92
C ALA B 230 -10.81 -20.59 25.26
N GLU B 231 -10.83 -20.64 23.92
CA GLU B 231 -11.54 -21.66 23.14
C GLU B 231 -10.67 -22.57 22.26
N LEU B 232 -9.33 -22.44 22.30
CA LEU B 232 -8.35 -23.20 21.49
C LEU B 232 -8.35 -22.90 20.00
N GLN B 233 -9.21 -21.98 19.55
CA GLN B 233 -9.26 -21.58 18.16
C GLN B 233 -9.68 -20.14 18.07
N PRO B 234 -9.20 -19.40 17.04
CA PRO B 234 -9.79 -18.08 16.79
C PRO B 234 -11.20 -18.30 16.19
N PRO B 235 -12.11 -17.31 16.25
CA PRO B 235 -13.43 -17.50 15.62
C PRO B 235 -13.32 -17.76 14.10
N LEU B 236 -14.26 -18.54 13.54
CA LEU B 236 -14.32 -18.88 12.12
C LEU B 236 -13.14 -19.74 11.66
N PHE B 237 -12.39 -20.38 12.57
CA PHE B 237 -11.24 -21.19 12.18
C PHE B 237 -11.60 -22.38 11.27
N ASP B 238 -12.86 -22.85 11.35
CA ASP B 238 -13.35 -23.94 10.51
C ASP B 238 -13.75 -23.46 9.08
N VAL B 239 -14.00 -22.15 8.92
CA VAL B 239 -14.37 -21.56 7.63
C VAL B 239 -13.09 -21.42 6.77
N HIS B 240 -13.23 -21.57 5.45
CA HIS B 240 -12.10 -21.48 4.53
C HIS B 240 -11.48 -20.07 4.58
N PRO B 241 -10.14 -19.90 4.56
CA PRO B 241 -9.56 -18.55 4.65
C PRO B 241 -10.07 -17.53 3.62
N ASP B 242 -10.34 -17.97 2.39
CA ASP B 242 -10.86 -17.09 1.34
C ASP B 242 -12.27 -16.62 1.70
N ARG B 243 -13.08 -17.50 2.27
CA ARG B 243 -14.45 -17.16 2.70
C ARG B 243 -14.43 -16.21 3.93
N VAL B 244 -13.39 -16.29 4.80
CA VAL B 244 -13.27 -15.42 5.97
C VAL B 244 -12.95 -13.98 5.56
N LEU B 245 -12.09 -13.79 4.54
CA LEU B 245 -11.77 -12.44 4.03
C LEU B 245 -13.04 -11.75 3.52
N GLU B 246 -13.90 -12.50 2.82
CA GLU B 246 -15.16 -11.96 2.28
C GLU B 246 -16.15 -11.61 3.41
N LEU B 247 -16.31 -12.48 4.43
CA LEU B 247 -17.22 -12.20 5.53
C LEU B 247 -16.83 -10.91 6.27
N MET B 248 -15.54 -10.74 6.60
CA MET B 248 -15.04 -9.57 7.31
C MET B 248 -15.19 -8.28 6.52
N THR B 249 -15.07 -8.37 5.19
CA THR B 249 -15.20 -7.23 4.28
C THR B 249 -16.69 -6.90 3.98
N LYS B 250 -17.63 -7.83 4.21
CA LYS B 250 -19.05 -7.57 3.99
C LYS B 250 -19.54 -6.46 4.92
N SER B 251 -20.51 -5.66 4.44
CA SER B 251 -21.04 -4.50 5.15
C SER B 251 -21.53 -4.80 6.58
N GLY B 252 -22.30 -5.86 6.74
CA GLY B 252 -22.86 -6.24 8.04
C GLY B 252 -22.00 -7.13 8.93
N TYR B 253 -20.66 -7.08 8.81
CA TYR B 253 -19.80 -7.93 9.64
C TYR B 253 -19.90 -7.57 11.11
N GLN B 254 -20.30 -8.53 11.94
CA GLN B 254 -20.45 -8.33 13.38
C GLN B 254 -19.19 -8.86 14.08
N PRO B 255 -18.53 -8.07 14.95
CA PRO B 255 -17.34 -8.60 15.64
C PRO B 255 -17.64 -9.85 16.45
N PRO B 256 -16.70 -10.82 16.52
CA PRO B 256 -16.98 -12.04 17.29
C PRO B 256 -17.06 -11.85 18.80
N ARG B 257 -17.56 -12.87 19.49
CA ARG B 257 -17.76 -12.88 20.95
C ARG B 257 -17.37 -14.27 21.50
N LEU B 258 -17.27 -14.38 22.84
CA LEU B 258 -16.97 -15.66 23.48
C LEU B 258 -18.21 -16.59 23.37
N LYS B 259 -17.99 -17.84 22.90
CA LYS B 259 -19.05 -18.84 22.72
C LYS B 259 -19.87 -19.07 24.00
N GLU B 260 -19.20 -19.44 25.13
CA GLU B 260 -19.87 -19.68 26.41
C GLU B 260 -19.95 -18.35 27.16
N LYS B 261 -21.14 -17.94 27.62
CA LYS B 261 -21.29 -16.66 28.32
C LYS B 261 -20.98 -16.80 29.82
N GLY B 262 -21.65 -17.72 30.50
CA GLY B 262 -21.51 -17.94 31.94
C GLY B 262 -20.11 -18.26 32.44
N LYS B 263 -19.33 -18.99 31.62
CA LYS B 263 -17.95 -19.40 31.94
C LYS B 263 -17.00 -18.22 32.24
N TRP B 264 -17.29 -17.03 31.69
CA TRP B 264 -16.42 -15.85 31.82
C TRP B 264 -17.12 -14.68 32.50
N SER B 265 -16.34 -13.86 33.20
CA SER B 265 -16.83 -12.70 33.91
C SER B 265 -17.25 -11.58 32.95
N ALA B 266 -17.97 -10.57 33.45
CA ALA B 266 -18.39 -9.42 32.64
C ALA B 266 -17.19 -8.58 32.19
N ALA B 267 -16.09 -8.59 32.97
CA ALA B 267 -14.88 -7.85 32.61
C ALA B 267 -14.23 -8.46 31.37
N PHE B 268 -14.18 -9.81 31.27
CA PHE B 268 -13.60 -10.48 30.11
C PHE B 268 -14.46 -10.26 28.88
N HIS B 269 -15.80 -10.34 29.00
CA HIS B 269 -16.70 -10.06 27.89
C HIS B 269 -16.54 -8.62 27.42
N ASN B 270 -16.35 -7.66 28.35
CA ASN B 270 -16.16 -6.26 27.95
C ASN B 270 -14.78 -6.04 27.32
N PHE B 271 -13.75 -6.75 27.76
CA PHE B 271 -12.41 -6.63 27.16
C PHE B 271 -12.46 -7.07 25.70
N ILE B 272 -13.14 -8.19 25.43
CA ILE B 272 -13.33 -8.70 24.08
C ILE B 272 -14.12 -7.69 23.25
N LYS B 273 -15.26 -7.20 23.78
CA LYS B 273 -16.11 -6.21 23.10
C LYS B 273 -15.33 -4.96 22.69
N VAL B 274 -14.54 -4.37 23.61
CA VAL B 274 -13.80 -3.14 23.29
C VAL B 274 -12.60 -3.39 22.37
N THR B 275 -11.80 -4.47 22.61
CA THR B 275 -10.65 -4.76 21.73
C THR B 275 -11.15 -5.03 20.29
N LEU B 276 -12.32 -5.68 20.14
CA LEU B 276 -12.90 -5.99 18.83
C LEU B 276 -13.91 -4.91 18.34
N THR B 277 -13.62 -3.62 18.52
CA THR B 277 -14.49 -2.54 18.00
C THR B 277 -14.27 -2.53 16.47
N LYS B 278 -15.35 -2.67 15.67
CA LYS B 278 -15.24 -2.72 14.21
C LYS B 278 -14.51 -1.49 13.64
N SER B 279 -14.86 -0.29 14.13
CA SER B 279 -14.27 0.96 13.67
C SER B 279 -12.89 1.21 14.25
N PRO B 280 -11.84 1.34 13.41
CA PRO B 280 -10.51 1.66 13.96
C PRO B 280 -10.46 3.01 14.66
N LYS B 281 -11.28 4.00 14.23
CA LYS B 281 -11.27 5.32 14.87
C LYS B 281 -11.76 5.24 16.33
N LYS B 282 -12.72 4.32 16.63
CA LYS B 282 -13.26 4.15 17.97
C LYS B 282 -12.52 3.08 18.82
N ARG B 283 -11.61 2.29 18.22
CA ARG B 283 -10.91 1.22 18.93
C ARG B 283 -9.85 1.80 19.91
N PRO B 284 -9.82 1.39 21.20
CA PRO B 284 -8.83 1.98 22.12
C PRO B 284 -7.39 1.58 21.84
N SER B 285 -6.45 2.45 22.22
CA SER B 285 -5.02 2.24 22.06
C SER B 285 -4.49 1.22 23.10
N ALA B 286 -3.22 0.79 22.96
CA ALA B 286 -2.62 -0.15 23.90
C ALA B 286 -2.52 0.41 25.33
N THR B 287 -2.12 1.70 25.49
CA THR B 287 -2.02 2.33 26.81
C THR B 287 -3.41 2.52 27.45
N LYS B 288 -4.43 2.83 26.63
CA LYS B 288 -5.80 2.96 27.13
C LYS B 288 -6.33 1.61 27.60
N MET B 289 -5.98 0.53 26.88
CA MET B 289 -6.40 -0.82 27.26
C MET B 289 -5.74 -1.30 28.55
N LEU B 290 -4.55 -0.77 28.93
CA LEU B 290 -3.91 -1.15 30.19
C LEU B 290 -4.69 -0.70 31.44
N SER B 291 -5.59 0.30 31.30
CA SER B 291 -6.44 0.77 32.40
C SER B 291 -7.75 -0.06 32.53
N HIS B 292 -8.00 -1.06 31.66
CA HIS B 292 -9.22 -1.89 31.73
C HIS B 292 -9.14 -2.83 32.93
N GLN B 293 -10.28 -3.07 33.61
CA GLN B 293 -10.40 -3.91 34.82
C GLN B 293 -9.79 -5.31 34.69
N LEU B 294 -9.99 -5.98 33.55
CA LEU B 294 -9.46 -7.33 33.37
C LEU B 294 -7.92 -7.36 33.51
N VAL B 295 -7.28 -6.34 32.97
CA VAL B 295 -5.84 -6.18 32.87
C VAL B 295 -5.23 -5.45 34.08
N SER B 296 -6.02 -4.59 34.76
CA SER B 296 -5.59 -3.78 35.91
C SER B 296 -5.82 -4.49 37.25
N GLN B 297 -6.58 -5.61 37.29
CA GLN B 297 -6.85 -6.30 38.55
C GLN B 297 -5.58 -6.82 39.24
N PRO B 298 -5.56 -6.89 40.58
CA PRO B 298 -4.37 -7.46 41.26
C PRO B 298 -4.33 -8.99 41.14
N GLY B 299 -3.18 -9.56 41.44
CA GLY B 299 -2.99 -11.00 41.38
C GLY B 299 -2.51 -11.53 40.04
N LEU B 300 -2.16 -10.66 39.08
CA LEU B 300 -1.67 -11.11 37.78
C LEU B 300 -0.14 -11.13 37.82
N ASN B 301 0.43 -12.32 37.75
CA ASN B 301 1.87 -12.51 37.82
C ASN B 301 2.27 -13.80 37.07
N ARG B 302 3.57 -13.96 36.78
CA ARG B 302 4.09 -15.15 36.08
C ARG B 302 3.74 -16.47 36.74
N GLY B 303 3.38 -16.46 38.04
CA GLY B 303 2.94 -17.66 38.75
C GLY B 303 1.76 -18.34 38.09
N LEU B 304 0.87 -17.55 37.51
CA LEU B 304 -0.30 -18.06 36.77
C LEU B 304 0.14 -18.91 35.59
N ILE B 305 1.22 -18.52 34.90
CA ILE B 305 1.72 -19.29 33.77
C ILE B 305 2.63 -20.45 34.23
N LEU B 306 3.34 -20.33 35.37
CA LEU B 306 4.09 -21.47 35.93
C LEU B 306 3.09 -22.60 36.30
N ASP B 307 1.89 -22.25 36.78
CA ASP B 307 0.84 -23.24 37.05
C ASP B 307 0.39 -23.92 35.74
N LEU B 308 0.38 -23.18 34.62
CA LEU B 308 0.04 -23.73 33.32
C LEU B 308 1.15 -24.69 32.83
N LEU B 309 2.43 -24.32 33.07
CA LEU B 309 3.56 -25.17 32.66
C LEU B 309 3.66 -26.44 33.54
N ASP B 310 3.18 -26.43 34.80
CA ASP B 310 3.15 -27.65 35.63
C ASP B 310 2.19 -28.66 34.98
N LYS B 311 1.04 -28.19 34.46
CA LYS B 311 0.09 -29.07 33.75
C LYS B 311 0.72 -29.64 32.46
N LEU B 312 1.63 -28.87 31.83
CA LEU B 312 2.33 -29.25 30.62
C LEU B 312 3.38 -30.34 30.92
N LYS B 313 4.06 -30.24 32.08
CA LYS B 313 5.10 -31.17 32.51
C LYS B 313 4.55 -32.48 33.13
N ASN B 314 3.40 -32.43 33.83
CA ASN B 314 2.82 -33.60 34.51
C ASN B 314 1.53 -34.12 33.84
N PRO B 315 1.45 -35.38 33.38
CA PRO B 315 0.24 -35.83 32.66
C PRO B 315 -1.04 -35.81 33.49
#